data_6RL2
#
_entry.id   6RL2
#
_cell.length_a   96.787
_cell.length_b   120.031
_cell.length_c   39.641
_cell.angle_alpha   90.00
_cell.angle_beta   90.00
_cell.angle_gamma   90.00
#
_symmetry.space_group_name_H-M   'P 21 21 21'
#
loop_
_entity.id
_entity.type
_entity.pdbx_description
1 polymer 'Arabino-oligosaccharids-binding protein'
2 branched alpha-L-arabinofuranose-(1-5)-alpha-L-arabinofuranose-(1-5)-alpha-L-arabinofuranose-(1-5)-alpha-L-arabinofuranose
3 non-polymer GLYCEROL
4 non-polymer 'CALCIUM ION'
5 water water
#
_entity_poly.entity_id   1
_entity_poly.type   'polypeptide(L)'
_entity_poly.pdbx_seq_one_letter_code
;HHHHHHNGNGEKIELTFMFRGQPQEQTAYKNVVKKFEEKHPNVKVNIVVTSPDQYATKLRAAIAGRKIPDVFYFNPGELR
AYVNSNVLLDITKYVENSKGVNLQDIWEKGVNKYRFDGEKVGQGNLYGLPKDLGPFALGYNKTMFEKAGIPLPDKDKPYT
WQEFIDVCKKLTKDTNGDGKLDQWGTGLNATWTLQGFVWSNGADWIDESKTKVTVDDPKFIEALQFFADMQNKYKVTPSI
AEAQTLDTYQRWLRGQLGFFPVGPWDLAAFDQQIKFEYDLIPWPAGSTGKPATWVGSLGIGVSSMTKHPKEAVELALYLS
ADPEGQKALVDQRVQLPNSVKVAEEWAKDPSIKPANKQEFLDIINDYGHSFPTEYTYNGEWYDEFYRNLQPVLDGKMSAE
EYVKKAKPKMQKLLDQAIEQEKQASKK
;
_entity_poly.pdbx_strand_id   A
#
loop_
_chem_comp.id
_chem_comp.type
_chem_comp.name
_chem_comp.formula
AHR L-saccharide, alpha linking alpha-L-arabinofuranose 'C5 H10 O5'
CA non-polymer 'CALCIUM ION' 'Ca 2'
GOL non-polymer GLYCEROL 'C3 H8 O3'
#
# COMPACT_ATOMS: atom_id res chain seq x y z
N LYS A 12 9.30 6.39 -34.46
CA LYS A 12 8.41 7.37 -35.07
C LYS A 12 7.38 7.89 -34.06
N ILE A 13 7.08 7.09 -33.04
CA ILE A 13 6.00 7.41 -32.10
C ILE A 13 6.47 7.50 -30.64
N GLU A 14 6.20 8.64 -30.00
CA GLU A 14 6.61 8.87 -28.64
C GLU A 14 5.49 8.86 -27.64
N LEU A 15 5.73 8.17 -26.53
CA LEU A 15 4.79 8.10 -25.41
C LEU A 15 5.43 8.68 -24.15
N THR A 16 4.62 9.34 -23.32
CA THR A 16 5.08 9.79 -22.01
CA THR A 16 5.10 9.79 -22.01
C THR A 16 4.51 8.88 -20.92
N PHE A 17 5.39 8.28 -20.12
CA PHE A 17 5.00 7.40 -19.02
C PHE A 17 5.35 8.07 -17.70
N MET A 18 4.34 8.40 -16.93
CA MET A 18 4.53 9.03 -15.63
C MET A 18 4.27 8.02 -14.51
N PHE A 19 5.18 7.91 -13.56
CA PHE A 19 4.93 7.00 -12.45
C PHE A 19 5.75 7.42 -11.23
N ARG A 20 5.68 6.61 -10.18
CA ARG A 20 6.33 6.92 -8.93
C ARG A 20 7.00 5.67 -8.42
N GLY A 21 7.99 5.83 -7.56
CA GLY A 21 8.60 4.68 -6.92
C GLY A 21 9.77 5.04 -6.04
N GLN A 22 10.08 4.11 -5.13
CA GLN A 22 11.31 4.14 -4.37
C GLN A 22 12.46 3.89 -5.34
N PRO A 23 13.70 4.21 -4.94
CA PRO A 23 14.82 4.03 -5.88
C PRO A 23 14.86 2.68 -6.60
N GLN A 24 14.69 1.58 -5.87
CA GLN A 24 14.74 0.26 -6.48
C GLN A 24 13.55 -0.01 -7.43
N GLU A 25 12.40 0.63 -7.18
CA GLU A 25 11.30 0.50 -8.12
C GLU A 25 11.55 1.28 -9.40
N GLN A 26 12.15 2.46 -9.28
CA GLN A 26 12.41 3.30 -10.44
C GLN A 26 13.35 2.58 -11.39
N THR A 27 14.40 1.99 -10.81
CA THR A 27 15.37 1.23 -11.60
C THR A 27 14.69 0.07 -12.32
N ALA A 28 13.80 -0.64 -11.61
CA ALA A 28 13.21 -1.85 -12.15
C ALA A 28 12.27 -1.52 -13.32
N TYR A 29 11.47 -0.48 -13.17
CA TYR A 29 10.52 -0.12 -14.21
C TYR A 29 11.23 0.53 -15.41
N LYS A 30 12.28 1.31 -15.16
CA LYS A 30 13.08 1.85 -16.25
C LYS A 30 13.68 0.72 -17.09
N ASN A 31 14.17 -0.33 -16.42
CA ASN A 31 14.67 -1.50 -17.12
C ASN A 31 13.60 -2.17 -17.95
N VAL A 32 12.42 -2.36 -17.38
CA VAL A 32 11.34 -3.05 -18.08
C VAL A 32 10.78 -2.21 -19.25
N VAL A 33 10.76 -0.89 -19.08
CA VAL A 33 10.40 0.01 -20.18
C VAL A 33 11.38 -0.12 -21.36
N LYS A 34 12.65 -0.38 -21.04
CA LYS A 34 13.64 -0.62 -22.08
C LYS A 34 13.35 -1.94 -22.80
N LYS A 35 12.90 -2.93 -22.03
CA LYS A 35 12.50 -4.21 -22.61
C LYS A 35 11.31 -4.02 -23.54
N PHE A 36 10.38 -3.15 -23.14
CA PHE A 36 9.25 -2.82 -24.00
C PHE A 36 9.70 -2.17 -25.30
N GLU A 37 10.65 -1.23 -25.18
CA GLU A 37 11.18 -0.50 -26.32
C GLU A 37 11.97 -1.41 -27.27
N GLU A 38 12.58 -2.45 -26.70
CA GLU A 38 13.28 -3.44 -27.52
C GLU A 38 12.27 -4.25 -28.32
N LYS A 39 11.16 -4.59 -27.69
CA LYS A 39 10.10 -5.34 -28.34
C LYS A 39 9.33 -4.49 -29.36
N HIS A 40 9.18 -3.20 -29.09
CA HIS A 40 8.51 -2.30 -30.03
C HIS A 40 9.44 -1.16 -30.47
N PRO A 41 10.34 -1.44 -31.41
CA PRO A 41 11.42 -0.55 -31.84
C PRO A 41 10.94 0.78 -32.41
N ASN A 42 9.66 0.86 -32.79
CA ASN A 42 9.09 2.10 -33.29
C ASN A 42 8.59 3.00 -32.16
N VAL A 43 8.32 2.42 -31.00
CA VAL A 43 7.83 3.18 -29.87
C VAL A 43 8.87 3.62 -28.89
N LYS A 44 8.96 4.92 -28.71
CA LYS A 44 9.86 5.50 -27.79
C LYS A 44 9.10 5.93 -26.55
N VAL A 45 9.61 5.58 -25.37
CA VAL A 45 8.95 5.96 -24.13
C VAL A 45 9.71 6.99 -23.30
N ASN A 46 9.12 8.13 -23.12
CA ASN A 46 9.74 9.17 -22.32
C ASN A 46 9.25 9.07 -20.88
N ILE A 47 10.20 9.04 -19.95
CA ILE A 47 9.86 8.78 -18.55
C ILE A 47 9.77 10.03 -17.69
N VAL A 48 8.67 10.15 -16.97
CA VAL A 48 8.54 11.11 -15.90
C VAL A 48 8.32 10.35 -14.59
N VAL A 49 9.30 10.37 -13.70
CA VAL A 49 9.20 9.58 -12.47
C VAL A 49 9.46 10.46 -11.25
N THR A 50 8.69 10.23 -10.18
CA THR A 50 8.88 10.99 -8.95
C THR A 50 9.01 10.04 -7.77
N SER A 51 9.29 10.61 -6.60
CA SER A 51 9.20 9.84 -5.36
C SER A 51 7.73 9.64 -5.04
N PRO A 52 7.39 8.62 -4.24
CA PRO A 52 5.97 8.37 -3.94
C PRO A 52 5.24 9.57 -3.35
N ASP A 53 5.85 10.26 -2.41
CA ASP A 53 5.22 11.40 -1.78
C ASP A 53 5.04 12.62 -2.68
N GLN A 54 5.85 12.78 -3.70
CA GLN A 54 5.72 13.91 -4.62
C GLN A 54 4.71 13.65 -5.75
N TYR A 55 4.32 12.42 -5.92
CA TYR A 55 3.49 12.07 -7.06
C TYR A 55 2.12 12.67 -7.24
N ALA A 56 1.31 12.60 -6.21
CA ALA A 56 -0.07 13.07 -6.30
C ALA A 56 -0.13 14.54 -6.74
N THR A 57 0.74 15.36 -6.17
CA THR A 57 0.81 16.77 -6.52
C THR A 57 1.13 16.97 -7.99
N LYS A 58 2.09 16.22 -8.49
CA LYS A 58 2.53 16.36 -9.87
C LYS A 58 1.45 15.89 -10.84
N LEU A 59 0.81 14.77 -10.54
CA LEU A 59 -0.25 14.24 -11.40
C LEU A 59 -1.49 15.17 -11.42
N ARG A 60 -1.81 15.72 -10.24
CA ARG A 60 -2.93 16.66 -10.11
C ARG A 60 -2.67 17.90 -10.96
N ALA A 61 -1.43 18.38 -10.94
CA ALA A 61 -1.06 19.55 -11.73
C ALA A 61 -1.20 19.28 -13.22
N ALA A 62 -0.82 18.08 -13.64
CA ALA A 62 -0.88 17.71 -15.04
C ALA A 62 -2.32 17.58 -15.51
N ILE A 63 -3.21 17.08 -14.65
CA ILE A 63 -4.60 16.93 -15.04
C ILE A 63 -5.29 18.29 -15.07
N ALA A 64 -4.89 19.16 -14.15
CA ALA A 64 -5.47 20.50 -14.04
C ALA A 64 -5.19 21.32 -15.30
N GLY A 65 -4.03 21.08 -15.90
CA GLY A 65 -3.62 21.78 -17.09
C GLY A 65 -4.06 21.08 -18.36
N ARG A 66 -4.70 19.93 -18.18
CA ARG A 66 -5.08 19.02 -19.28
C ARG A 66 -3.88 18.73 -20.19
N LYS A 67 -2.74 18.50 -19.55
CA LYS A 67 -1.52 18.02 -20.22
C LYS A 67 -1.18 16.67 -19.63
N ILE A 68 -2.03 15.70 -19.93
CA ILE A 68 -2.01 14.40 -19.27
C ILE A 68 -1.05 13.42 -19.96
N PRO A 69 -0.16 12.80 -19.18
CA PRO A 69 0.76 11.82 -19.76
C PRO A 69 0.00 10.68 -20.44
N ASP A 70 0.56 10.10 -21.50
CA ASP A 70 -0.12 9.02 -22.24
C ASP A 70 -0.45 7.82 -21.36
N VAL A 71 0.49 7.47 -20.49
CA VAL A 71 0.34 6.34 -19.57
C VAL A 71 0.79 6.80 -18.17
N PHE A 72 0.03 6.47 -17.14
CA PHE A 72 0.37 6.92 -15.78
C PHE A 72 -0.21 6.02 -14.68
N TYR A 73 0.49 5.99 -13.55
CA TYR A 73 -0.03 5.40 -12.32
C TYR A 73 -1.15 6.26 -11.76
N PHE A 74 -2.18 5.65 -11.20
CA PHE A 74 -3.15 6.44 -10.44
C PHE A 74 -3.76 5.66 -9.28
N ASN A 75 -4.38 6.39 -8.35
CA ASN A 75 -5.02 5.83 -7.16
C ASN A 75 -6.43 5.32 -7.48
N PRO A 76 -6.73 4.05 -7.15
CA PRO A 76 -8.05 3.48 -7.43
C PRO A 76 -9.19 4.32 -6.86
N GLY A 77 -8.94 5.01 -5.74
CA GLY A 77 -9.93 5.91 -5.16
C GLY A 77 -10.31 7.10 -6.04
N GLU A 78 -9.58 7.36 -7.08
CA GLU A 78 -9.87 8.44 -8.02
C GLU A 78 -10.51 7.96 -9.31
N LEU A 79 -10.77 6.67 -9.42
CA LEU A 79 -11.31 6.10 -10.66
C LEU A 79 -12.55 6.84 -11.12
N ARG A 80 -13.56 6.92 -10.26
CA ARG A 80 -14.83 7.55 -10.62
C ARG A 80 -14.64 9.02 -10.99
N ALA A 81 -13.89 9.74 -10.18
CA ALA A 81 -13.60 11.14 -10.45
C ALA A 81 -12.94 11.28 -11.83
N TYR A 82 -11.95 10.43 -12.10
CA TYR A 82 -11.25 10.48 -13.39
C TYR A 82 -12.17 10.13 -14.57
N VAL A 83 -13.09 9.19 -14.36
CA VAL A 83 -14.04 8.89 -15.44
C VAL A 83 -14.94 10.11 -15.68
N ASN A 84 -15.42 10.72 -14.59
CA ASN A 84 -16.29 11.90 -14.68
C ASN A 84 -15.67 13.11 -15.37
N SER A 85 -14.36 13.27 -15.24
CA SER A 85 -13.64 14.39 -15.84
CA SER A 85 -13.66 14.39 -15.86
C SER A 85 -12.97 13.98 -17.16
N ASN A 86 -13.33 12.80 -17.66
CA ASN A 86 -12.77 12.27 -18.90
C ASN A 86 -11.23 12.29 -18.89
N VAL A 87 -10.65 11.71 -17.85
CA VAL A 87 -9.20 11.67 -17.71
C VAL A 87 -8.65 10.39 -18.31
N LEU A 88 -9.38 9.31 -18.06
CA LEU A 88 -8.94 7.98 -18.43
C LEU A 88 -9.65 7.47 -19.67
N LEU A 89 -8.88 6.94 -20.60
CA LEU A 89 -9.43 6.30 -21.77
C LEU A 89 -10.13 4.99 -21.40
N ASP A 90 -11.27 4.72 -22.04
CA ASP A 90 -11.87 3.40 -21.98
C ASP A 90 -11.01 2.46 -22.83
N ILE A 91 -10.29 1.55 -22.18
CA ILE A 91 -9.36 0.66 -22.88
C ILE A 91 -9.90 -0.75 -23.13
N THR A 92 -11.18 -0.97 -22.87
CA THR A 92 -11.77 -2.31 -22.96
C THR A 92 -11.52 -3.02 -24.30
N LYS A 93 -11.79 -2.30 -25.39
CA LYS A 93 -11.66 -2.86 -26.73
C LYS A 93 -10.21 -3.16 -27.09
N TYR A 94 -9.29 -2.30 -26.67
CA TYR A 94 -7.87 -2.53 -26.96
C TYR A 94 -7.35 -3.78 -26.26
N VAL A 95 -7.90 -4.05 -25.08
CA VAL A 95 -7.51 -5.20 -24.27
C VAL A 95 -8.08 -6.49 -24.85
N GLU A 96 -9.37 -6.47 -25.21
CA GLU A 96 -10.02 -7.60 -25.86
C GLU A 96 -9.33 -8.01 -27.17
N ASN A 97 -8.94 -7.00 -27.92
CA ASN A 97 -8.35 -7.17 -29.22
C ASN A 97 -6.89 -7.49 -29.27
N SER A 98 -6.26 -7.64 -28.12
CA SER A 98 -4.85 -7.97 -28.10
C SER A 98 -4.67 -9.40 -27.68
N LYS A 99 -4.23 -10.23 -28.61
CA LYS A 99 -4.01 -11.62 -28.34
C LYS A 99 -2.80 -11.80 -27.45
N GLY A 100 -2.83 -12.85 -26.64
CA GLY A 100 -1.73 -13.14 -25.76
C GLY A 100 -1.98 -12.76 -24.34
N VAL A 101 -3.10 -12.10 -24.08
CA VAL A 101 -3.39 -11.73 -22.72
C VAL A 101 -4.78 -12.08 -22.28
N ASN A 102 -4.84 -12.82 -21.20
CA ASN A 102 -6.11 -13.16 -20.63
C ASN A 102 -6.14 -12.63 -19.22
N LEU A 103 -6.89 -11.56 -19.04
CA LEU A 103 -7.04 -10.91 -17.74
C LEU A 103 -7.64 -11.82 -16.67
N GLN A 104 -8.16 -12.97 -17.09
CA GLN A 104 -8.69 -13.91 -16.11
C GLN A 104 -7.57 -14.63 -15.37
N ASP A 105 -6.35 -14.53 -15.89
CA ASP A 105 -5.17 -15.07 -15.19
C ASP A 105 -4.68 -14.11 -14.10
N ILE A 106 -5.10 -12.85 -14.16
CA ILE A 106 -4.69 -11.81 -13.20
C ILE A 106 -5.65 -11.78 -12.00
N TRP A 107 -5.12 -11.46 -10.81
CA TRP A 107 -5.95 -11.24 -9.62
C TRP A 107 -7.23 -10.48 -9.93
N GLU A 108 -8.36 -11.11 -9.63
CA GLU A 108 -9.65 -10.51 -9.88
C GLU A 108 -9.85 -9.23 -9.06
N LYS A 109 -9.42 -9.27 -7.80
CA LYS A 109 -9.47 -8.09 -6.94
C LYS A 109 -8.66 -6.93 -7.53
N GLY A 110 -7.58 -7.25 -8.21
CA GLY A 110 -6.77 -6.24 -8.87
C GLY A 110 -7.45 -5.66 -10.10
N VAL A 111 -7.96 -6.52 -10.96
CA VAL A 111 -8.56 -6.03 -12.21
C VAL A 111 -9.82 -5.21 -11.94
N ASN A 112 -10.65 -5.66 -11.02
CA ASN A 112 -11.95 -5.02 -10.76
C ASN A 112 -11.88 -3.62 -10.17
N LYS A 113 -10.77 -3.28 -9.51
CA LYS A 113 -10.59 -1.92 -8.98
C LYS A 113 -10.64 -0.87 -10.08
N TYR A 114 -10.42 -1.31 -11.33
CA TYR A 114 -10.30 -0.34 -12.43
C TYR A 114 -11.38 -0.53 -13.49
N ARG A 115 -12.42 -1.29 -13.14
CA ARG A 115 -13.63 -1.40 -13.94
C ARG A 115 -14.71 -0.43 -13.45
N PHE A 116 -15.42 0.20 -14.38
CA PHE A 116 -16.53 1.10 -14.04
C PHE A 116 -17.63 1.01 -15.10
N ASP A 117 -18.86 0.79 -14.67
CA ASP A 117 -19.95 0.55 -15.63
C ASP A 117 -20.83 1.77 -15.85
N GLY A 118 -20.41 2.91 -15.29
CA GLY A 118 -21.21 4.10 -15.37
C GLY A 118 -21.87 4.42 -14.04
N GLU A 119 -22.01 3.41 -13.19
CA GLU A 119 -22.65 3.64 -11.90
C GLU A 119 -21.84 3.13 -10.72
N LYS A 120 -21.13 2.02 -10.90
CA LYS A 120 -20.38 1.45 -9.80
C LYS A 120 -19.06 0.81 -10.22
N VAL A 121 -18.11 0.85 -9.31
CA VAL A 121 -16.80 0.28 -9.53
C VAL A 121 -16.86 -1.25 -9.41
N GLY A 122 -16.06 -1.95 -10.20
CA GLY A 122 -15.94 -3.39 -10.06
C GLY A 122 -16.51 -4.16 -11.23
N GLN A 123 -17.36 -3.50 -11.99
CA GLN A 123 -17.95 -4.13 -13.17
C GLN A 123 -17.88 -3.22 -14.37
N GLY A 124 -18.00 -3.78 -15.57
CA GLY A 124 -18.14 -2.98 -16.75
C GLY A 124 -16.82 -2.69 -17.43
N ASN A 125 -16.72 -1.51 -18.02
CA ASN A 125 -15.58 -1.18 -18.87
C ASN A 125 -14.28 -0.97 -18.11
N LEU A 126 -13.18 -1.32 -18.75
CA LEU A 126 -11.83 -1.14 -18.22
C LEU A 126 -11.32 0.27 -18.44
N TYR A 127 -10.93 0.93 -17.34
CA TYR A 127 -10.32 2.26 -17.41
C TYR A 127 -8.88 2.22 -16.88
N GLY A 128 -8.38 1.01 -16.65
CA GLY A 128 -6.98 0.86 -16.32
C GLY A 128 -6.62 -0.58 -16.05
N LEU A 129 -5.33 -0.81 -15.85
CA LEU A 129 -4.80 -2.12 -15.49
C LEU A 129 -4.05 -2.05 -14.16
N PRO A 130 -4.12 -3.13 -13.36
CA PRO A 130 -3.46 -3.13 -12.05
C PRO A 130 -1.95 -3.20 -12.16
N LYS A 131 -1.26 -2.22 -11.59
CA LYS A 131 0.19 -2.31 -11.46
C LYS A 131 0.50 -3.59 -10.70
N ASP A 132 -0.13 -3.75 -9.53
CA ASP A 132 0.11 -4.88 -8.66
C ASP A 132 -1.03 -5.00 -7.67
N LEU A 133 -0.97 -6.03 -6.82
CA LEU A 133 -1.63 -5.98 -5.52
C LEU A 133 -0.54 -5.84 -4.48
N GLY A 134 -0.81 -5.11 -3.40
CA GLY A 134 0.24 -4.83 -2.45
C GLY A 134 -0.13 -5.17 -1.01
N PRO A 135 -0.19 -6.47 -0.69
CA PRO A 135 -0.42 -6.94 0.68
C PRO A 135 0.69 -6.46 1.63
N PHE A 136 0.32 -5.87 2.75
CA PHE A 136 1.29 -5.29 3.68
C PHE A 136 1.49 -6.21 4.86
N ALA A 137 2.49 -7.07 4.77
CA ALA A 137 2.70 -8.13 5.77
C ALA A 137 3.45 -7.60 6.98
N LEU A 138 3.46 -8.39 8.04
CA LEU A 138 4.32 -8.13 9.19
C LEU A 138 5.56 -9.00 9.14
N GLY A 139 6.74 -8.39 9.24
CA GLY A 139 7.98 -9.14 9.33
C GLY A 139 8.56 -9.14 10.73
N TYR A 140 9.38 -10.14 11.02
CA TYR A 140 10.14 -10.14 12.26
C TYR A 140 11.58 -10.56 12.01
N ASN A 141 12.46 -10.06 12.88
CA ASN A 141 13.88 -10.31 12.81
C ASN A 141 14.18 -11.63 13.51
N LYS A 142 14.33 -12.69 12.72
CA LYS A 142 14.53 -14.04 13.24
C LYS A 142 15.88 -14.17 13.94
N THR A 143 16.91 -13.55 13.38
CA THR A 143 18.21 -13.50 14.01
C THR A 143 18.15 -12.95 15.44
N MET A 144 17.45 -11.82 15.59
CA MET A 144 17.33 -11.18 16.89
C MET A 144 16.60 -12.07 17.90
N PHE A 145 15.48 -12.67 17.47
CA PHE A 145 14.73 -13.60 18.31
C PHE A 145 15.62 -14.73 18.81
N GLU A 146 16.37 -15.33 17.87
CA GLU A 146 17.14 -16.52 18.19
C GLU A 146 18.32 -16.15 19.08
N LYS A 147 18.86 -14.95 18.91
CA LYS A 147 19.92 -14.49 19.78
C LYS A 147 19.38 -14.20 21.19
N ALA A 148 18.11 -13.84 21.29
CA ALA A 148 17.49 -13.51 22.58
C ALA A 148 16.87 -14.74 23.25
N GLY A 149 16.79 -15.86 22.52
CA GLY A 149 16.22 -17.08 23.04
C GLY A 149 14.70 -17.02 23.17
N ILE A 150 14.06 -16.14 22.41
CA ILE A 150 12.61 -16.02 22.45
C ILE A 150 12.01 -16.96 21.42
N PRO A 151 10.98 -17.73 21.81
CA PRO A 151 10.28 -18.60 20.86
C PRO A 151 9.80 -17.84 19.63
N LEU A 152 10.03 -18.39 18.45
CA LEU A 152 9.61 -17.74 17.21
C LEU A 152 8.09 -17.54 17.16
N PRO A 153 7.63 -16.45 16.51
CA PRO A 153 6.21 -16.23 16.32
C PRO A 153 5.59 -17.38 15.55
N ASP A 154 4.33 -17.70 15.82
CA ASP A 154 3.63 -18.69 15.01
C ASP A 154 3.27 -18.11 13.65
N LYS A 155 3.41 -18.91 12.59
CA LYS A 155 3.22 -18.37 11.25
C LYS A 155 1.73 -18.29 10.89
N ASP A 156 0.88 -18.88 11.74
CA ASP A 156 -0.54 -18.90 11.47
C ASP A 156 -1.37 -18.21 12.55
N LYS A 157 -1.04 -18.46 13.82
CA LYS A 157 -1.80 -17.92 14.95
C LYS A 157 -1.29 -16.54 15.43
N PRO A 158 -2.13 -15.51 15.28
CA PRO A 158 -1.76 -14.13 15.62
C PRO A 158 -1.48 -13.95 17.11
N TYR A 159 -0.43 -13.20 17.46
CA TYR A 159 -0.29 -12.66 18.81
C TYR A 159 -1.56 -11.94 19.24
N THR A 160 -1.86 -11.95 20.52
CA THR A 160 -2.85 -10.99 21.00
C THR A 160 -2.10 -9.68 21.17
N TRP A 161 -2.81 -8.58 21.39
CA TRP A 161 -2.13 -7.31 21.63
C TRP A 161 -1.27 -7.38 22.88
N GLN A 162 -1.74 -8.05 23.94
CA GLN A 162 -0.93 -8.16 25.15
C GLN A 162 0.32 -9.00 24.89
N GLU A 163 0.16 -10.10 24.14
CA GLU A 163 1.30 -10.97 23.83
C GLU A 163 2.32 -10.24 22.98
N PHE A 164 1.84 -9.40 22.07
CA PHE A 164 2.72 -8.66 21.17
C PHE A 164 3.57 -7.68 21.97
N ILE A 165 2.93 -6.91 22.85
CA ILE A 165 3.67 -6.02 23.74
C ILE A 165 4.66 -6.81 24.60
N ASP A 166 4.23 -7.95 25.12
CA ASP A 166 5.12 -8.76 25.98
C ASP A 166 6.41 -9.17 25.23
N VAL A 167 6.30 -9.66 23.99
CA VAL A 167 7.54 -10.00 23.28
C VAL A 167 8.31 -8.73 22.90
N CYS A 168 7.60 -7.67 22.56
CA CYS A 168 8.26 -6.40 22.23
C CYS A 168 9.07 -5.88 23.41
N LYS A 169 8.56 -6.08 24.63
CA LYS A 169 9.33 -5.68 25.81
C LYS A 169 10.58 -6.53 25.98
N LYS A 170 10.47 -7.84 25.75
CA LYS A 170 11.63 -8.71 25.91
C LYS A 170 12.74 -8.37 24.92
N LEU A 171 12.34 -7.89 23.74
CA LEU A 171 13.27 -7.54 22.67
C LEU A 171 13.92 -6.18 22.85
N THR A 172 13.37 -5.38 23.75
CA THR A 172 13.85 -4.00 23.96
C THR A 172 14.96 -4.01 25.00
N LYS A 173 16.20 -3.78 24.59
CA LYS A 173 17.32 -3.96 25.51
C LYS A 173 18.60 -3.24 25.11
N ASP A 174 19.50 -3.18 26.08
CA ASP A 174 20.87 -2.73 25.87
C ASP A 174 21.74 -3.95 25.60
N THR A 175 22.04 -4.20 24.32
CA THR A 175 22.72 -5.43 23.93
C THR A 175 24.24 -5.37 24.04
N ASN A 176 24.81 -4.17 24.11
CA ASN A 176 26.28 -4.10 24.14
C ASN A 176 26.79 -3.69 25.51
N GLY A 177 25.88 -3.62 26.48
CA GLY A 177 26.23 -3.35 27.87
C GLY A 177 26.91 -2.01 28.11
N ASP A 178 26.45 -0.96 27.42
CA ASP A 178 27.01 0.36 27.61
C ASP A 178 26.08 1.28 28.41
N GLY A 179 24.96 0.71 28.87
CA GLY A 179 23.98 1.46 29.62
C GLY A 179 22.77 1.98 28.85
N LYS A 180 22.86 1.93 27.52
CA LYS A 180 21.82 2.56 26.70
C LYS A 180 21.10 1.56 25.80
N LEU A 181 19.78 1.65 25.76
CA LEU A 181 18.97 0.83 24.84
C LEU A 181 19.44 1.04 23.41
N ASP A 182 19.61 -0.05 22.69
CA ASP A 182 20.13 0.02 21.33
C ASP A 182 19.38 -0.97 20.43
N GLN A 183 18.33 -1.57 20.99
CA GLN A 183 17.50 -2.55 20.30
C GLN A 183 16.07 -2.44 20.83
N TRP A 184 15.08 -2.44 19.94
CA TRP A 184 13.69 -2.21 20.32
C TRP A 184 12.76 -3.25 19.73
N GLY A 185 11.64 -3.50 20.40
CA GLY A 185 10.62 -4.41 19.88
C GLY A 185 10.14 -4.03 18.48
N THR A 186 9.79 -2.76 18.30
CA THR A 186 9.28 -2.34 16.99
C THR A 186 9.32 -0.81 16.84
N GLY A 187 8.68 -0.27 15.81
CA GLY A 187 8.69 1.17 15.60
C GLY A 187 7.74 1.49 14.45
N LEU A 188 6.46 1.21 14.65
CA LEU A 188 5.50 1.27 13.55
C LEU A 188 5.07 2.69 13.16
N ASN A 189 4.98 2.92 11.86
CA ASN A 189 4.51 4.19 11.30
C ASN A 189 2.98 4.17 11.21
N ALA A 190 2.34 5.06 11.96
CA ALA A 190 0.89 5.12 11.99
C ALA A 190 0.24 5.32 10.61
N THR A 191 0.92 6.03 9.71
CA THR A 191 0.37 6.26 8.38
C THR A 191 0.05 4.96 7.65
N TRP A 192 0.89 3.95 7.87
CA TRP A 192 0.77 2.68 7.14
C TRP A 192 0.42 1.46 8.01
N THR A 193 0.42 1.60 9.31
CA THR A 193 0.20 0.42 10.15
C THR A 193 -0.92 0.56 11.16
N LEU A 194 -1.56 1.73 11.25
CA LEU A 194 -2.67 1.86 12.19
C LEU A 194 -3.90 1.08 11.73
N GLN A 195 -4.06 0.93 10.42
CA GLN A 195 -5.28 0.33 9.83
C GLN A 195 -5.57 -1.07 10.40
N GLY A 196 -4.54 -1.93 10.44
CA GLY A 196 -4.74 -3.30 10.91
C GLY A 196 -5.20 -3.40 12.36
N PHE A 197 -4.73 -2.48 13.21
CA PHE A 197 -5.13 -2.45 14.61
C PHE A 197 -6.58 -2.00 14.75
N VAL A 198 -6.96 -0.98 13.99
CA VAL A 198 -8.34 -0.50 13.97
C VAL A 198 -9.30 -1.60 13.47
N TRP A 199 -8.97 -2.18 12.32
CA TRP A 199 -9.80 -3.20 11.70
C TRP A 199 -9.89 -4.47 12.55
N SER A 200 -8.76 -4.96 13.05
CA SER A 200 -8.78 -6.18 13.85
CA SER A 200 -8.76 -6.18 13.85
C SER A 200 -9.48 -5.94 15.18
N ASN A 201 -9.68 -4.67 15.54
CA ASN A 201 -10.43 -4.37 16.76
C ASN A 201 -11.90 -4.10 16.43
N GLY A 202 -12.29 -4.41 15.21
CA GLY A 202 -13.69 -4.34 14.83
C GLY A 202 -14.17 -2.92 14.61
N ALA A 203 -13.26 -2.04 14.21
CA ALA A 203 -13.62 -0.65 13.91
C ALA A 203 -13.23 -0.27 12.48
N ASP A 204 -13.59 0.95 12.06
CA ASP A 204 -13.14 1.51 10.79
C ASP A 204 -13.25 3.03 10.84
N TRP A 205 -12.68 3.69 9.84
CA TRP A 205 -12.75 5.15 9.73
C TRP A 205 -14.16 5.63 9.39
N ILE A 206 -14.90 4.81 8.66
CA ILE A 206 -16.25 5.15 8.21
C ILE A 206 -17.17 3.95 8.41
N ASP A 207 -18.46 4.21 8.35
CA ASP A 207 -19.46 3.16 8.56
C ASP A 207 -19.58 2.25 7.36
N GLU A 208 -20.41 1.22 7.49
CA GLU A 208 -20.62 0.27 6.41
C GLU A 208 -21.09 0.96 5.13
N SER A 209 -21.91 2.01 5.25
CA SER A 209 -22.46 2.66 4.06
C SER A 209 -21.44 3.56 3.37
N LYS A 210 -20.32 3.78 4.06
CA LYS A 210 -19.22 4.65 3.61
C LYS A 210 -19.63 6.11 3.45
N THR A 211 -20.57 6.56 4.28
CA THR A 211 -21.03 7.95 4.24
C THR A 211 -20.93 8.66 5.58
N LYS A 212 -20.65 7.91 6.64
CA LYS A 212 -20.55 8.46 7.99
C LYS A 212 -19.20 8.18 8.64
N VAL A 213 -18.56 9.22 9.16
CA VAL A 213 -17.31 9.06 9.88
C VAL A 213 -17.50 8.37 11.24
N THR A 214 -16.67 7.39 11.53
CA THR A 214 -16.84 6.56 12.72
C THR A 214 -15.56 6.44 13.58
N VAL A 215 -14.68 7.44 13.48
CA VAL A 215 -13.44 7.41 14.27
C VAL A 215 -13.69 7.63 15.77
N ASP A 216 -14.90 8.04 16.14
CA ASP A 216 -15.21 8.23 17.55
C ASP A 216 -15.82 6.98 18.22
N ASP A 217 -15.90 5.89 17.46
CA ASP A 217 -16.22 4.56 18.00
C ASP A 217 -15.22 4.18 19.09
N PRO A 218 -15.71 3.74 20.27
CA PRO A 218 -14.82 3.30 21.35
C PRO A 218 -13.75 2.30 20.89
N LYS A 219 -14.09 1.42 19.96
CA LYS A 219 -13.16 0.44 19.42
C LYS A 219 -12.06 1.08 18.59
N PHE A 220 -12.39 2.17 17.91
CA PHE A 220 -11.41 2.93 17.13
C PHE A 220 -10.45 3.62 18.07
N ILE A 221 -11.03 4.30 19.05
CA ILE A 221 -10.26 5.00 20.09
C ILE A 221 -9.29 4.04 20.79
N GLU A 222 -9.78 2.85 21.16
CA GLU A 222 -8.95 1.87 21.84
C GLU A 222 -7.76 1.49 20.96
N ALA A 223 -8.02 1.29 19.68
CA ALA A 223 -6.95 0.90 18.74
C ALA A 223 -5.92 2.01 18.59
N LEU A 224 -6.41 3.23 18.35
CA LEU A 224 -5.52 4.39 18.23
C LEU A 224 -4.71 4.62 19.49
N GLN A 225 -5.34 4.49 20.66
CA GLN A 225 -4.62 4.75 21.89
C GLN A 225 -3.57 3.66 22.12
N PHE A 226 -3.94 2.41 21.85
CA PHE A 226 -2.96 1.31 21.92
C PHE A 226 -1.78 1.57 20.98
N PHE A 227 -2.08 2.02 19.76
CA PHE A 227 -1.01 2.33 18.82
C PHE A 227 -0.04 3.35 19.42
N ALA A 228 -0.56 4.50 19.84
CA ALA A 228 0.28 5.56 20.42
C ALA A 228 1.03 5.06 21.66
N ASP A 229 0.37 4.19 22.43
CA ASP A 229 0.97 3.70 23.68
C ASP A 229 2.21 2.84 23.45
N MET A 230 2.37 2.30 22.25
CA MET A 230 3.55 1.47 21.99
C MET A 230 4.80 2.31 22.21
N GLN A 231 4.78 3.53 21.70
CA GLN A 231 5.90 4.45 21.89
C GLN A 231 5.92 5.05 23.29
N ASN A 232 4.76 5.51 23.76
CA ASN A 232 4.74 6.42 24.90
C ASN A 232 4.55 5.76 26.26
N LYS A 233 3.85 4.63 26.29
CA LYS A 233 3.50 3.97 27.55
C LYS A 233 4.30 2.69 27.75
N TYR A 234 4.18 1.77 26.79
CA TYR A 234 4.87 0.48 26.87
C TYR A 234 6.35 0.61 26.56
N LYS A 235 6.70 1.68 25.86
CA LYS A 235 8.07 2.01 25.51
C LYS A 235 8.79 0.83 24.86
N VAL A 236 8.20 0.31 23.79
CA VAL A 236 8.82 -0.78 23.04
C VAL A 236 9.33 -0.30 21.68
N THR A 237 9.45 1.02 21.54
CA THR A 237 9.97 1.65 20.32
C THR A 237 11.13 2.60 20.68
N PRO A 238 11.93 2.99 19.67
CA PRO A 238 12.86 4.10 19.89
C PRO A 238 12.09 5.34 20.39
N SER A 239 12.76 6.18 21.17
CA SER A 239 12.15 7.41 21.64
C SER A 239 11.82 8.33 20.47
N ILE A 240 10.99 9.34 20.74
CA ILE A 240 10.66 10.37 19.78
C ILE A 240 11.94 10.96 19.16
N ALA A 241 12.89 11.30 20.02
CA ALA A 241 14.12 11.93 19.53
C ALA A 241 14.97 10.94 18.73
N GLU A 242 14.96 9.66 19.13
CA GLU A 242 15.73 8.64 18.42
C GLU A 242 15.16 8.39 17.04
N ALA A 243 13.82 8.41 16.92
CA ALA A 243 13.18 8.24 15.63
C ALA A 243 13.44 9.45 14.74
N GLN A 244 13.61 10.61 15.36
CA GLN A 244 13.94 11.83 14.61
C GLN A 244 15.35 11.74 14.04
N THR A 245 16.27 11.29 14.88
CA THR A 245 17.64 11.07 14.47
C THR A 245 17.78 10.10 13.29
N LEU A 246 17.16 8.92 13.40
CA LEU A 246 17.17 7.92 12.33
C LEU A 246 15.81 7.21 12.34
N ASP A 247 15.07 7.25 11.24
CA ASP A 247 13.68 6.80 11.28
C ASP A 247 13.59 5.27 11.42
N THR A 248 12.41 4.79 11.77
CA THR A 248 12.30 3.39 12.16
C THR A 248 12.49 2.42 10.99
N TYR A 249 12.17 2.86 9.78
CA TYR A 249 12.44 2.04 8.59
C TYR A 249 13.95 1.78 8.50
N GLN A 250 14.74 2.84 8.62
CA GLN A 250 16.19 2.70 8.57
C GLN A 250 16.73 1.84 9.73
N ARG A 251 16.18 2.02 10.93
CA ARG A 251 16.61 1.20 12.07
C ARG A 251 16.27 -0.29 11.87
N TRP A 252 15.12 -0.57 11.24
CA TRP A 252 14.78 -1.95 10.86
C TRP A 252 15.84 -2.52 9.91
N LEU A 253 16.20 -1.75 8.88
CA LEU A 253 17.22 -2.21 7.92
C LEU A 253 18.51 -2.59 8.63
N ARG A 254 18.84 -1.83 9.66
CA ARG A 254 20.11 -2.01 10.36
C ARG A 254 20.03 -3.06 11.47
N GLY A 255 18.88 -3.72 11.58
CA GLY A 255 18.75 -4.83 12.52
C GLY A 255 18.50 -4.42 13.97
N GLN A 256 17.94 -3.24 14.16
CA GLN A 256 17.70 -2.75 15.52
C GLN A 256 16.28 -3.02 16.02
N LEU A 257 15.41 -3.51 15.13
CA LEU A 257 13.99 -3.70 15.48
C LEU A 257 13.52 -5.14 15.32
N GLY A 258 12.77 -5.62 16.30
CA GLY A 258 12.21 -6.97 16.25
C GLY A 258 11.13 -7.18 15.19
N PHE A 259 10.30 -6.17 14.96
CA PHE A 259 9.16 -6.24 14.05
C PHE A 259 9.07 -5.01 13.17
N PHE A 260 8.79 -5.21 11.89
CA PHE A 260 8.52 -4.09 10.98
C PHE A 260 7.76 -4.65 9.77
N PRO A 261 6.83 -3.86 9.20
CA PRO A 261 6.07 -4.33 8.04
C PRO A 261 6.94 -4.61 6.82
N VAL A 262 6.42 -5.44 5.92
CA VAL A 262 7.09 -5.78 4.68
C VAL A 262 6.07 -5.77 3.55
N GLY A 263 6.28 -4.95 2.53
CA GLY A 263 5.52 -5.06 1.29
C GLY A 263 6.35 -5.70 0.19
N PRO A 264 5.69 -6.23 -0.85
CA PRO A 264 6.51 -6.82 -1.93
C PRO A 264 7.46 -5.81 -2.59
N TRP A 265 7.10 -4.54 -2.60
CA TRP A 265 7.97 -3.51 -3.17
C TRP A 265 9.25 -3.33 -2.35
N ASP A 266 9.26 -3.79 -1.10
CA ASP A 266 10.45 -3.69 -0.23
C ASP A 266 11.53 -4.72 -0.53
N LEU A 267 11.17 -5.78 -1.23
CA LEU A 267 12.02 -6.96 -1.28
C LEU A 267 13.39 -6.67 -1.89
N ALA A 268 13.42 -5.91 -2.99
CA ALA A 268 14.69 -5.55 -3.62
C ALA A 268 15.57 -4.73 -2.66
N ALA A 269 14.96 -3.77 -1.98
CA ALA A 269 15.69 -2.94 -1.03
C ALA A 269 16.23 -3.78 0.13
N PHE A 270 15.41 -4.72 0.60
CA PHE A 270 15.82 -5.57 1.71
C PHE A 270 16.91 -6.54 1.27
N ASP A 271 16.83 -7.03 0.02
CA ASP A 271 17.89 -7.87 -0.55
C ASP A 271 19.23 -7.17 -0.45
N GLN A 272 19.22 -5.88 -0.74
CA GLN A 272 20.46 -5.12 -0.78
C GLN A 272 20.98 -4.74 0.60
N GLN A 273 20.08 -4.46 1.53
CA GLN A 273 20.50 -3.81 2.77
C GLN A 273 20.37 -4.65 4.03
N ILE A 274 19.42 -5.58 4.05
CA ILE A 274 19.22 -6.36 5.26
C ILE A 274 20.13 -7.58 5.30
N LYS A 275 20.89 -7.71 6.39
CA LYS A 275 21.85 -8.80 6.57
C LYS A 275 21.34 -9.87 7.53
N PHE A 276 20.36 -9.54 8.35
CA PHE A 276 19.79 -10.53 9.27
C PHE A 276 18.74 -11.38 8.58
N GLU A 277 18.38 -12.49 9.20
CA GLU A 277 17.32 -13.34 8.68
C GLU A 277 15.96 -12.79 9.14
N TYR A 278 15.01 -12.66 8.23
CA TYR A 278 13.65 -12.25 8.62
C TYR A 278 12.58 -13.10 7.93
N ASP A 279 11.39 -13.12 8.51
CA ASP A 279 10.27 -13.88 7.94
C ASP A 279 8.95 -13.17 8.23
N LEU A 280 7.89 -13.66 7.61
CA LEU A 280 6.56 -13.02 7.68
C LEU A 280 5.60 -13.78 8.58
N ILE A 281 4.76 -13.01 9.27
CA ILE A 281 3.74 -13.55 10.17
C ILE A 281 2.45 -12.75 10.05
N PRO A 282 1.33 -13.30 10.56
CA PRO A 282 0.14 -12.44 10.66
C PRO A 282 0.34 -11.30 11.65
N TRP A 283 -0.35 -10.19 11.41
CA TRP A 283 -0.39 -9.07 12.35
C TRP A 283 -1.07 -9.51 13.64
N PRO A 284 -0.70 -8.91 14.78
CA PRO A 284 -1.39 -9.22 16.04
C PRO A 284 -2.87 -8.85 15.94
N ALA A 285 -3.73 -9.62 16.58
CA ALA A 285 -5.18 -9.41 16.45
C ALA A 285 -5.79 -8.79 17.70
N GLY A 286 -6.71 -7.86 17.48
CA GLY A 286 -7.44 -7.19 18.54
C GLY A 286 -8.65 -8.01 18.96
N SER A 287 -9.75 -7.33 19.26
CA SER A 287 -10.92 -7.97 19.86
C SER A 287 -11.61 -9.01 18.98
N THR A 288 -11.43 -8.91 17.66
CA THR A 288 -12.01 -9.91 16.76
C THR A 288 -11.19 -11.20 16.72
N GLY A 289 -9.95 -11.13 17.19
CA GLY A 289 -9.05 -12.28 17.13
C GLY A 289 -8.64 -12.66 15.71
N LYS A 290 -9.07 -11.87 14.73
CA LYS A 290 -8.67 -12.09 13.33
C LYS A 290 -7.67 -11.01 12.91
N PRO A 291 -6.52 -11.41 12.31
CA PRO A 291 -5.58 -10.36 11.91
C PRO A 291 -6.15 -9.53 10.76
N ALA A 292 -5.58 -8.34 10.57
CA ALA A 292 -6.05 -7.43 9.56
C ALA A 292 -4.88 -6.59 9.09
N THR A 293 -4.88 -6.31 7.80
CA THR A 293 -3.96 -5.37 7.22
C THR A 293 -4.53 -4.90 5.88
N TRP A 294 -3.85 -4.00 5.20
CA TRP A 294 -4.37 -3.56 3.91
C TRP A 294 -3.74 -4.29 2.73
N VAL A 295 -4.49 -4.33 1.64
CA VAL A 295 -3.96 -4.75 0.33
C VAL A 295 -3.95 -3.55 -0.59
N GLY A 296 -2.76 -3.11 -0.98
CA GLY A 296 -2.65 -1.90 -1.80
C GLY A 296 -2.79 -2.19 -3.28
N SER A 297 -2.94 -1.13 -4.05
CA SER A 297 -2.92 -1.25 -5.51
C SER A 297 -2.77 0.12 -6.13
N LEU A 298 -2.12 0.16 -7.28
CA LEU A 298 -2.10 1.34 -8.13
C LEU A 298 -2.60 0.92 -9.50
N GLY A 299 -3.32 1.82 -10.16
CA GLY A 299 -3.77 1.56 -11.51
C GLY A 299 -2.79 2.08 -12.52
N ILE A 300 -2.75 1.45 -13.68
CA ILE A 300 -2.00 1.98 -14.80
C ILE A 300 -3.02 2.43 -15.82
N GLY A 301 -3.06 3.73 -16.08
CA GLY A 301 -4.10 4.28 -16.91
C GLY A 301 -3.56 4.90 -18.19
N VAL A 302 -4.46 5.08 -19.16
CA VAL A 302 -4.11 5.74 -20.42
C VAL A 302 -4.92 7.05 -20.59
N SER A 303 -4.23 8.11 -20.99
CA SER A 303 -4.85 9.42 -21.20
C SER A 303 -5.97 9.34 -22.22
N SER A 304 -7.12 9.91 -21.87
CA SER A 304 -8.25 9.97 -22.78
C SER A 304 -7.87 10.73 -24.05
N MET A 305 -6.89 11.62 -23.93
CA MET A 305 -6.48 12.49 -25.02
C MET A 305 -5.21 11.99 -25.72
N THR A 306 -4.84 10.73 -25.48
CA THR A 306 -3.61 10.21 -26.11
C THR A 306 -3.78 10.10 -27.62
N LYS A 307 -2.72 10.46 -28.33
CA LYS A 307 -2.73 10.38 -29.79
C LYS A 307 -2.37 8.98 -30.26
N HIS A 308 -1.91 8.14 -29.33
CA HIS A 308 -1.48 6.79 -29.68
C HIS A 308 -2.05 5.74 -28.75
N PRO A 309 -3.38 5.58 -28.75
CA PRO A 309 -4.02 4.67 -27.79
C PRO A 309 -3.58 3.21 -27.91
N LYS A 310 -3.35 2.72 -29.13
CA LYS A 310 -2.97 1.32 -29.28
C LYS A 310 -1.65 1.05 -28.59
N GLU A 311 -0.67 1.93 -28.81
CA GLU A 311 0.65 1.74 -28.23
C GLU A 311 0.65 1.99 -26.72
N ALA A 312 -0.07 3.03 -26.29
CA ALA A 312 -0.17 3.35 -24.87
C ALA A 312 -0.74 2.16 -24.10
N VAL A 313 -1.81 1.56 -24.63
CA VAL A 313 -2.37 0.39 -23.97
C VAL A 313 -1.39 -0.79 -24.01
N GLU A 314 -0.65 -0.92 -25.10
CA GLU A 314 0.39 -1.94 -25.19
C GLU A 314 1.46 -1.76 -24.10
N LEU A 315 1.80 -0.53 -23.76
CA LEU A 315 2.74 -0.29 -22.67
C LEU A 315 2.12 -0.71 -21.33
N ALA A 316 0.90 -0.24 -21.08
CA ALA A 316 0.18 -0.57 -19.85
C ALA A 316 0.05 -2.08 -19.69
N LEU A 317 -0.18 -2.77 -20.80
CA LEU A 317 -0.35 -4.22 -20.79
C LEU A 317 0.96 -4.94 -20.55
N TYR A 318 2.05 -4.38 -21.07
CA TYR A 318 3.36 -4.98 -20.90
C TYR A 318 3.77 -4.97 -19.42
N LEU A 319 3.44 -3.88 -18.73
CA LEU A 319 3.79 -3.72 -17.32
C LEU A 319 2.90 -4.54 -16.40
N SER A 320 1.62 -4.63 -16.74
CA SER A 320 0.64 -5.26 -15.87
C SER A 320 0.42 -6.76 -16.10
N ALA A 321 0.35 -7.19 -17.36
CA ALA A 321 -0.13 -8.53 -17.69
C ALA A 321 0.82 -9.38 -18.56
N ASP A 322 1.66 -8.74 -19.35
CA ASP A 322 2.57 -9.48 -20.21
C ASP A 322 3.53 -10.33 -19.37
N PRO A 323 3.57 -11.65 -19.65
CA PRO A 323 4.38 -12.57 -18.85
C PRO A 323 5.88 -12.24 -18.82
N GLU A 324 6.38 -11.62 -19.88
CA GLU A 324 7.78 -11.23 -19.95
C GLU A 324 8.05 -9.96 -19.13
N GLY A 325 7.18 -8.97 -19.26
CA GLY A 325 7.30 -7.76 -18.46
C GLY A 325 7.17 -8.10 -16.99
N GLN A 326 6.15 -8.91 -16.68
CA GLN A 326 5.88 -9.32 -15.31
C GLN A 326 7.04 -10.13 -14.72
N LYS A 327 7.57 -11.08 -15.49
CA LYS A 327 8.68 -11.89 -15.01
C LYS A 327 9.87 -11.00 -14.64
N ALA A 328 10.13 -9.98 -15.46
CA ALA A 328 11.22 -9.05 -15.20
C ALA A 328 11.01 -8.26 -13.90
N LEU A 329 9.79 -7.78 -13.68
CA LEU A 329 9.48 -7.04 -12.45
C LEU A 329 9.60 -7.93 -11.21
N VAL A 330 9.07 -9.15 -11.30
CA VAL A 330 9.12 -10.09 -10.19
C VAL A 330 10.56 -10.51 -9.90
N ASP A 331 11.32 -10.80 -10.96
CA ASP A 331 12.75 -11.10 -10.83
C ASP A 331 13.52 -9.98 -10.16
N GLN A 332 13.15 -8.74 -10.43
CA GLN A 332 13.84 -7.60 -9.84
C GLN A 332 13.29 -7.23 -8.45
N ARG A 333 12.38 -8.05 -7.95
CA ARG A 333 12.00 -8.06 -6.54
C ARG A 333 11.24 -6.82 -6.10
N VAL A 334 10.37 -6.29 -6.94
CA VAL A 334 9.59 -5.12 -6.54
C VAL A 334 8.10 -5.40 -6.51
N GLN A 335 7.71 -6.62 -6.86
CA GLN A 335 6.30 -6.99 -6.70
C GLN A 335 6.09 -8.48 -6.79
N LEU A 336 4.91 -8.93 -6.37
CA LEU A 336 4.59 -10.33 -6.53
C LEU A 336 3.81 -10.45 -7.85
N PRO A 337 3.85 -11.64 -8.47
CA PRO A 337 3.19 -11.88 -9.77
C PRO A 337 1.72 -11.46 -9.83
N ASN A 338 1.34 -10.72 -10.86
CA ASN A 338 -0.06 -10.38 -11.08
C ASN A 338 -0.87 -11.58 -11.51
N SER A 339 -0.21 -12.56 -12.14
CA SER A 339 -0.88 -13.81 -12.48
C SER A 339 -1.02 -14.71 -11.24
N VAL A 340 -2.26 -15.08 -10.93
CA VAL A 340 -2.56 -15.88 -9.76
C VAL A 340 -1.80 -17.21 -9.73
N LYS A 341 -1.69 -17.88 -10.88
CA LYS A 341 -0.99 -19.16 -10.94
C LYS A 341 0.52 -19.00 -10.75
N VAL A 342 1.11 -18.04 -11.44
CA VAL A 342 2.53 -17.73 -11.26
C VAL A 342 2.82 -17.40 -9.79
N ALA A 343 1.94 -16.60 -9.18
CA ALA A 343 2.06 -16.23 -7.77
C ALA A 343 2.02 -17.46 -6.84
N GLU A 344 1.06 -18.35 -7.07
CA GLU A 344 0.95 -19.55 -6.22
C GLU A 344 2.20 -20.42 -6.31
N GLU A 345 2.75 -20.55 -7.51
CA GLU A 345 3.97 -21.32 -7.70
C GLU A 345 5.17 -20.61 -7.08
N TRP A 346 5.23 -19.30 -7.25
CA TRP A 346 6.24 -18.45 -6.62
C TRP A 346 6.29 -18.67 -5.12
N ALA A 347 5.14 -18.59 -4.46
CA ALA A 347 5.07 -18.68 -3.01
C ALA A 347 5.62 -20.00 -2.46
N LYS A 348 5.47 -21.05 -3.26
CA LYS A 348 5.89 -22.40 -2.87
C LYS A 348 7.39 -22.66 -3.06
N ASP A 349 8.05 -21.88 -3.91
CA ASP A 349 9.48 -22.03 -4.16
C ASP A 349 10.33 -21.65 -2.95
N PRO A 350 10.91 -22.65 -2.25
CA PRO A 350 11.68 -22.38 -1.03
C PRO A 350 13.03 -21.73 -1.28
N SER A 351 13.45 -21.62 -2.54
CA SER A 351 14.72 -20.98 -2.86
C SER A 351 14.61 -19.47 -2.81
N ILE A 352 13.38 -18.98 -2.79
CA ILE A 352 13.09 -17.55 -2.79
C ILE A 352 12.55 -17.17 -1.42
N LYS A 353 13.20 -16.20 -0.78
CA LYS A 353 12.86 -15.78 0.58
C LYS A 353 12.03 -14.49 0.54
N PRO A 354 11.32 -14.17 1.64
CA PRO A 354 11.17 -14.86 2.93
C PRO A 354 10.52 -16.25 2.84
N ALA A 355 10.82 -17.10 3.80
CA ALA A 355 10.31 -18.48 3.80
C ALA A 355 8.78 -18.52 3.76
N ASN A 356 8.13 -17.64 4.52
CA ASN A 356 6.67 -17.58 4.52
C ASN A 356 6.12 -16.44 3.64
N LYS A 357 6.62 -16.33 2.41
CA LYS A 357 6.04 -15.34 1.50
C LYS A 357 4.60 -15.72 1.11
N GLN A 358 4.19 -16.96 1.42
CA GLN A 358 2.78 -17.34 1.33
C GLN A 358 1.89 -16.36 2.09
N GLU A 359 2.43 -15.74 3.13
CA GLU A 359 1.64 -14.79 3.92
C GLU A 359 1.07 -13.66 3.04
N PHE A 360 1.84 -13.22 2.05
CA PHE A 360 1.38 -12.21 1.09
C PHE A 360 0.08 -12.66 0.43
N LEU A 361 0.01 -13.93 0.04
CA LEU A 361 -1.18 -14.43 -0.65
C LEU A 361 -2.34 -14.61 0.31
N ASP A 362 -2.05 -15.02 1.55
CA ASP A 362 -3.06 -15.15 2.57
C ASP A 362 -3.73 -13.80 2.86
N ILE A 363 -2.94 -12.74 2.87
CA ILE A 363 -3.46 -11.38 2.99
C ILE A 363 -4.41 -11.04 1.83
N ILE A 364 -3.95 -11.26 0.60
CA ILE A 364 -4.81 -11.02 -0.56
C ILE A 364 -6.10 -11.85 -0.48
N ASN A 365 -5.98 -13.12 -0.11
CA ASN A 365 -7.13 -14.02 -0.17
C ASN A 365 -8.06 -13.98 1.05
N ASP A 366 -7.51 -13.73 2.24
CA ASP A 366 -8.27 -13.92 3.47
C ASP A 366 -8.49 -12.62 4.27
N TYR A 367 -7.42 -12.00 4.76
CA TYR A 367 -7.60 -10.96 5.79
C TYR A 367 -7.11 -9.54 5.45
N GLY A 368 -6.87 -9.27 4.17
CA GLY A 368 -6.52 -7.92 3.74
C GLY A 368 -7.73 -7.09 3.33
N HIS A 369 -7.69 -5.81 3.69
CA HIS A 369 -8.78 -4.87 3.37
C HIS A 369 -8.28 -3.75 2.46
N SER A 370 -9.21 -3.01 1.87
CA SER A 370 -8.86 -1.80 1.12
C SER A 370 -8.79 -0.58 2.02
N PHE A 371 -7.95 0.40 1.68
CA PHE A 371 -8.01 1.71 2.32
C PHE A 371 -9.44 2.30 2.17
N PRO A 372 -9.95 2.95 3.22
CA PRO A 372 -11.32 3.50 3.22
C PRO A 372 -11.58 4.49 2.08
N THR A 373 -10.54 5.18 1.62
CA THR A 373 -10.73 6.17 0.57
C THR A 373 -11.03 5.52 -0.78
N GLU A 374 -10.77 4.22 -0.91
CA GLU A 374 -11.11 3.56 -2.16
C GLU A 374 -12.63 3.52 -2.36
N TYR A 375 -13.39 3.60 -1.27
CA TYR A 375 -14.85 3.64 -1.35
C TYR A 375 -15.46 5.05 -1.47
N THR A 376 -14.65 6.09 -1.33
CA THR A 376 -15.21 7.45 -1.35
C THR A 376 -14.74 8.23 -2.58
N TYR A 377 -15.44 9.32 -2.91
CA TYR A 377 -15.22 10.01 -4.19
C TYR A 377 -13.88 10.75 -4.20
N ASN A 378 -13.45 11.23 -3.04
CA ASN A 378 -12.08 11.72 -2.86
C ASN A 378 -11.63 11.35 -1.44
N GLY A 379 -10.36 11.59 -1.13
CA GLY A 379 -9.84 11.20 0.17
C GLY A 379 -9.55 12.31 1.18
N GLU A 380 -10.07 13.51 0.93
CA GLU A 380 -9.75 14.64 1.77
C GLU A 380 -10.18 14.43 3.22
N TRP A 381 -11.35 13.83 3.43
CA TRP A 381 -11.83 13.55 4.78
C TRP A 381 -10.83 12.72 5.60
N TYR A 382 -10.16 11.78 4.91
CA TYR A 382 -9.21 10.86 5.54
C TYR A 382 -7.85 11.55 5.72
N ASP A 383 -7.45 12.35 4.73
CA ASP A 383 -6.22 13.14 4.86
C ASP A 383 -6.30 14.07 6.07
N GLU A 384 -7.50 14.60 6.33
CA GLU A 384 -7.69 15.45 7.51
C GLU A 384 -7.41 14.71 8.82
N PHE A 385 -7.81 13.44 8.92
CA PHE A 385 -7.51 12.65 10.11
C PHE A 385 -6.00 12.60 10.38
N TYR A 386 -5.23 12.31 9.34
CA TYR A 386 -3.79 12.15 9.52
C TYR A 386 -3.08 13.48 9.68
N ARG A 387 -3.65 14.53 9.10
CA ARG A 387 -2.98 15.84 9.08
C ARG A 387 -2.67 16.34 10.48
N ASN A 388 -3.56 16.07 11.43
CA ASN A 388 -3.40 16.59 12.78
C ASN A 388 -3.22 15.49 13.84
N LEU A 389 -2.74 14.33 13.39
CA LEU A 389 -2.64 13.16 14.28
C LEU A 389 -1.42 13.17 15.22
N GLN A 390 -0.36 13.87 14.84
CA GLN A 390 0.93 13.73 15.53
C GLN A 390 0.92 13.97 17.06
N PRO A 391 0.19 14.99 17.54
CA PRO A 391 0.12 15.14 19.01
C PRO A 391 -0.39 13.89 19.74
N VAL A 392 -1.29 13.12 19.14
CA VAL A 392 -1.71 11.85 19.75
C VAL A 392 -0.58 10.83 19.79
N LEU A 393 0.10 10.67 18.65
CA LEU A 393 1.20 9.72 18.55
C LEU A 393 2.34 10.10 19.48
N ASP A 394 2.50 11.40 19.71
CA ASP A 394 3.59 11.84 20.59
C ASP A 394 3.15 11.99 22.05
N GLY A 395 1.95 11.53 22.37
CA GLY A 395 1.52 11.47 23.75
C GLY A 395 1.13 12.81 24.35
N LYS A 396 0.83 13.78 23.49
CA LYS A 396 0.47 15.12 23.96
C LYS A 396 -1.05 15.31 24.04
N MET A 397 -1.78 14.39 23.42
CA MET A 397 -3.23 14.44 23.35
C MET A 397 -3.75 13.01 23.33
N SER A 398 -4.86 12.75 24.02
CA SER A 398 -5.44 11.41 24.01
C SER A 398 -6.14 11.12 22.68
N ALA A 399 -6.24 9.84 22.34
CA ALA A 399 -6.95 9.47 21.13
C ALA A 399 -8.42 9.91 21.22
N GLU A 400 -9.01 9.74 22.39
CA GLU A 400 -10.42 10.12 22.58
C GLU A 400 -10.66 11.60 22.30
N GLU A 401 -9.78 12.45 22.81
CA GLU A 401 -9.93 13.88 22.59
C GLU A 401 -9.72 14.27 21.11
N TYR A 402 -8.75 13.65 20.46
CA TYR A 402 -8.50 14.00 19.06
C TYR A 402 -9.65 13.59 18.16
N VAL A 403 -10.13 12.35 18.28
CA VAL A 403 -11.12 11.90 17.30
C VAL A 403 -12.42 12.71 17.44
N LYS A 404 -12.73 13.17 18.66
CA LYS A 404 -13.93 13.96 18.84
C LYS A 404 -13.79 15.30 18.14
N LYS A 405 -12.58 15.85 18.16
CA LYS A 405 -12.30 17.11 17.47
CA LYS A 405 -12.31 17.12 17.47
C LYS A 405 -12.26 16.94 15.96
N ALA A 406 -11.59 15.88 15.50
CA ALA A 406 -11.42 15.64 14.07
C ALA A 406 -12.73 15.25 13.38
N LYS A 407 -13.59 14.51 14.07
CA LYS A 407 -14.78 13.91 13.43
C LYS A 407 -15.62 14.92 12.61
N PRO A 408 -16.00 16.07 13.20
CA PRO A 408 -16.87 16.93 12.37
C PRO A 408 -16.16 17.55 11.16
N LYS A 409 -14.84 17.75 11.26
CA LYS A 409 -14.07 18.27 10.14
C LYS A 409 -14.01 17.22 9.02
N MET A 410 -13.72 16.00 9.42
CA MET A 410 -13.77 14.87 8.47
C MET A 410 -15.16 14.69 7.83
N GLN A 411 -16.21 14.82 8.65
CA GLN A 411 -17.56 14.59 8.16
C GLN A 411 -17.97 15.63 7.13
N LYS A 412 -17.65 16.89 7.39
CA LYS A 412 -17.96 17.96 6.44
CA LYS A 412 -17.92 17.98 6.46
C LYS A 412 -17.25 17.69 5.10
N LEU A 413 -16.00 17.25 5.16
CA LEU A 413 -15.27 16.94 3.92
C LEU A 413 -15.84 15.72 3.18
N LEU A 414 -16.30 14.72 3.93
CA LEU A 414 -16.89 13.53 3.33
C LEU A 414 -18.26 13.85 2.69
N ASP A 415 -19.04 14.70 3.37
CA ASP A 415 -20.32 15.17 2.83
C ASP A 415 -20.10 15.90 1.51
N GLN A 416 -19.04 16.71 1.46
CA GLN A 416 -18.71 17.47 0.25
C GLN A 416 -18.30 16.53 -0.87
N ALA A 417 -17.52 15.49 -0.56
CA ALA A 417 -17.16 14.51 -1.58
C ALA A 417 -18.39 13.82 -2.13
N ILE A 418 -19.32 13.47 -1.25
CA ILE A 418 -20.57 12.84 -1.69
C ILE A 418 -21.36 13.79 -2.60
N GLU A 419 -21.48 15.06 -2.21
CA GLU A 419 -22.22 16.01 -3.02
C GLU A 419 -21.50 16.24 -4.36
N GLN A 420 -20.18 16.34 -4.31
CA GLN A 420 -19.39 16.66 -5.51
C GLN A 420 -19.49 15.51 -6.50
N GLU A 421 -19.67 14.30 -5.99
CA GLU A 421 -19.92 13.15 -6.85
C GLU A 421 -21.24 13.35 -7.58
N LYS A 422 -22.28 13.65 -6.81
CA LYS A 422 -23.59 13.94 -7.37
C LYS A 422 -23.53 14.98 -8.48
N GLN A 423 -22.77 16.07 -8.29
CA GLN A 423 -22.71 17.13 -9.30
C GLN A 423 -21.80 16.82 -10.49
N ALA A 424 -20.76 16.04 -10.28
CA ALA A 424 -19.83 15.74 -11.37
C ALA A 424 -20.35 14.63 -12.31
N SER A 425 -21.25 13.79 -11.81
CA SER A 425 -21.73 12.64 -12.59
C SER A 425 -22.96 12.93 -13.48
N LYS A 426 -23.42 14.17 -13.49
CA LYS A 426 -24.61 14.55 -14.28
C LYS A 426 -24.26 14.75 -15.75
O5 AHR B . -0.89 0.63 -2.69
C5 AHR B . -1.11 1.31 -1.45
C4 AHR B . -2.32 2.19 -1.62
O4 AHR B . -3.45 1.42 -2.06
C3 AHR B . -2.09 3.21 -2.72
O3 AHR B . -1.34 4.31 -2.24
C2 AHR B . -3.52 3.57 -3.09
O2 AHR B . -3.59 3.98 -4.46
C1 AHR B . -4.30 2.28 -2.84
O1 AHR B . -5.50 2.60 -2.13
O5 AHR B . 4.06 2.13 -2.23
C5 AHR B . 3.76 0.78 -2.62
C4 AHR B . 2.51 0.80 -3.47
O4 AHR B . 1.38 1.15 -2.68
C3 AHR B . 2.20 -0.54 -4.12
O3 AHR B . 2.71 -0.58 -5.46
C2 AHR B . 0.68 -0.60 -4.05
O2 AHR B . 0.23 -1.92 -3.92
C1 AHR B . 0.41 0.10 -2.73
O5 AHR B . 5.42 1.42 2.58
C5 AHR B . 4.30 2.31 2.51
C4 AHR B . 4.18 2.84 1.08
O4 AHR B . 4.15 1.79 0.13
C3 AHR B . 5.42 3.66 0.71
O3 AHR B . 5.32 5.01 1.18
C2 AHR B . 5.39 3.59 -0.80
O2 AHR B . 6.69 3.79 -1.36
C1 AHR B . 4.87 2.18 -1.06
O5 AHR B . 8.72 4.41 4.90
C5 AHR B . 9.08 3.06 4.57
C4 AHR B . 8.10 2.48 3.54
O4 AHR B . 6.75 2.69 3.99
C3 AHR B . 8.30 0.98 3.35
O3 AHR B . 8.36 0.67 1.95
C2 AHR B . 7.06 0.37 3.96
O2 AHR B . 7.26 0.15 5.37
C1 AHR B . 6.02 1.47 3.86
C1 GOL C . -11.79 -1.44 5.67
O1 GOL C . -11.85 -1.14 4.30
C2 GOL C . -12.99 -2.28 6.10
O2 GOL C . -13.00 -3.48 5.35
C3 GOL C . -12.90 -2.58 7.59
O3 GOL C . -14.13 -3.12 8.01
C1 GOL D . -3.06 6.06 -0.39
O1 GOL D . -2.61 5.32 0.72
C2 GOL D . -4.52 6.42 -0.17
O2 GOL D . -5.33 5.39 -0.69
C3 GOL D . -4.76 6.56 1.33
O3 GOL D . -6.12 6.90 1.57
CA CA E . 23.73 -0.14 24.49
#